data_3G6I
#
_entry.id   3G6I
#
_cell.length_a   75.025
_cell.length_b   75.025
_cell.length_c   127.290
_cell.angle_alpha   90.000
_cell.angle_beta   90.000
_cell.angle_gamma   90.000
#
_symmetry.space_group_name_H-M   'P 43 21 2'
#
loop_
_entity.id
_entity.type
_entity.pdbx_description
1 polymer 'Putative outer membrane protein, part of carbohydrate binding complex'
2 non-polymer DI(HYDROXYETHYL)ETHER
3 non-polymer 'SULFATE ION'
4 water water
#
_entity_poly.entity_id   1
_entity_poly.type   'polypeptide(L)'
_entity_poly.pdbx_seq_one_letter_code
;GAVDLNKENRDPKYVESIVNRSQKIVDKLGLTDAKVAEDVCNVIANRYFELNDIYEIRDAKVKAVKESGLTGDAKNEALK
AAENEKDAALYRSHFAFPASLSLFLNEEQIEAVKDG(MSE)TYGVVKVTYEATLD(MSE)IPSLKEEEKVQIYAWLVEAR
EFA(MSE)DAENSNKKHAAFGKYKGRINNYLAKRGYNLTKEREEWAKRVKARGGTL
;
_entity_poly.pdbx_strand_id   A
#
loop_
_chem_comp.id
_chem_comp.type
_chem_comp.name
_chem_comp.formula
PEG non-polymer DI(HYDROXYETHYL)ETHER 'C4 H10 O3'
SO4 non-polymer 'SULFATE ION' 'O4 S -2'
#
# COMPACT_ATOMS: atom_id res chain seq x y z
N ALA A 2 -0.40 5.76 -27.40
CA ALA A 2 -1.35 5.78 -26.26
C ALA A 2 -0.96 4.61 -25.33
N VAL A 3 -1.38 4.63 -24.07
CA VAL A 3 -1.30 3.44 -23.21
C VAL A 3 -2.62 2.69 -23.35
N ASP A 4 -2.57 1.45 -23.82
CA ASP A 4 -3.78 0.65 -23.87
C ASP A 4 -4.13 0.03 -22.51
N LEU A 5 -5.43 -0.07 -22.23
CA LEU A 5 -5.95 -0.72 -21.03
C LEU A 5 -5.91 -2.24 -21.24
N ASN A 6 -5.29 -2.98 -20.31
CA ASN A 6 -5.10 -4.44 -20.48
CA ASN A 6 -5.10 -4.44 -20.48
C ASN A 6 -6.33 -5.23 -20.02
N LYS A 7 -7.45 -5.00 -20.70
CA LYS A 7 -8.74 -5.52 -20.29
C LYS A 7 -9.18 -6.82 -20.92
N GLU A 8 -8.43 -7.33 -21.89
CA GLU A 8 -8.83 -8.54 -22.65
C GLU A 8 -9.06 -9.72 -21.73
N ASN A 9 -10.18 -10.40 -21.98
CA ASN A 9 -10.57 -11.59 -21.26
C ASN A 9 -10.76 -11.40 -19.77
N ARG A 10 -11.11 -10.21 -19.30
CA ARG A 10 -11.45 -10.01 -17.88
C ARG A 10 -12.93 -9.74 -17.75
N ASP A 11 -13.49 -10.06 -16.59
CA ASP A 11 -14.89 -9.82 -16.29
C ASP A 11 -15.17 -8.32 -16.40
N PRO A 12 -16.19 -7.92 -17.19
CA PRO A 12 -16.44 -6.48 -17.42
C PRO A 12 -16.76 -5.69 -16.17
N LYS A 13 -17.43 -6.34 -15.23
CA LYS A 13 -17.77 -5.70 -13.96
C LYS A 13 -16.46 -5.39 -13.17
N TYR A 14 -15.49 -6.32 -13.21
CA TYR A 14 -14.19 -6.10 -12.56
C TYR A 14 -13.41 -4.96 -13.25
N VAL A 15 -13.38 -5.00 -14.59
CA VAL A 15 -12.72 -3.95 -15.38
C VAL A 15 -13.28 -2.58 -15.02
N GLU A 16 -14.61 -2.48 -15.01
CA GLU A 16 -15.27 -1.23 -14.68
C GLU A 16 -14.91 -0.74 -13.29
N SER A 17 -14.86 -1.66 -12.32
CA SER A 17 -14.52 -1.27 -10.96
CA SER A 17 -14.50 -1.30 -10.94
C SER A 17 -13.09 -0.67 -10.89
N ILE A 18 -12.14 -1.27 -11.62
CA ILE A 18 -10.73 -0.80 -11.62
C ILE A 18 -10.59 0.53 -12.38
N VAL A 19 -11.26 0.64 -13.52
CA VAL A 19 -11.28 1.90 -14.27
C VAL A 19 -11.84 3.04 -13.42
N ASN A 20 -12.95 2.84 -12.75
CA ASN A 20 -13.53 3.93 -11.95
CA ASN A 20 -13.53 3.90 -11.91
C ASN A 20 -12.59 4.28 -10.74
N ARG A 21 -12.00 3.27 -10.12
CA ARG A 21 -11.04 3.49 -9.02
C ARG A 21 -9.83 4.32 -9.47
N SER A 22 -9.28 3.95 -10.64
CA SER A 22 -8.14 4.62 -11.23
C SER A 22 -8.49 6.07 -11.64
N GLN A 23 -9.68 6.24 -12.19
CA GLN A 23 -10.16 7.56 -12.63
C GLN A 23 -10.27 8.52 -11.44
N LYS A 24 -10.74 8.02 -10.30
CA LYS A 24 -10.89 8.87 -9.12
C LYS A 24 -9.55 9.37 -8.62
N ILE A 25 -8.55 8.51 -8.69
CA ILE A 25 -7.16 8.91 -8.32
C ILE A 25 -6.66 10.00 -9.26
N VAL A 26 -6.84 9.78 -10.57
CA VAL A 26 -6.37 10.77 -11.54
C VAL A 26 -7.12 12.10 -11.42
N ASP A 27 -8.43 12.04 -11.19
CA ASP A 27 -9.22 13.28 -11.00
C ASP A 27 -8.63 14.20 -9.93
N LYS A 28 -8.08 13.62 -8.87
CA LYS A 28 -7.53 14.41 -7.76
CA LYS A 28 -7.54 14.41 -7.75
C LYS A 28 -6.28 15.18 -8.20
N LEU A 29 -5.59 14.66 -9.21
CA LEU A 29 -4.40 15.36 -9.74
C LEU A 29 -4.75 16.67 -10.46
N GLY A 30 -5.99 16.84 -10.90
CA GLY A 30 -6.36 18.01 -11.69
C GLY A 30 -5.48 18.29 -12.91
N LEU A 31 -5.16 17.26 -13.68
CA LEU A 31 -4.31 17.42 -14.89
C LEU A 31 -5.03 18.29 -15.92
N THR A 32 -4.32 19.15 -16.63
CA THR A 32 -4.97 20.02 -17.61
C THR A 32 -5.00 19.41 -19.04
N ASP A 33 -4.24 18.35 -19.28
CA ASP A 33 -4.19 17.71 -20.61
C ASP A 33 -5.02 16.41 -20.54
N ALA A 34 -6.18 16.40 -21.20
CA ALA A 34 -7.12 15.26 -21.04
C ALA A 34 -6.59 13.96 -21.61
N LYS A 35 -5.74 14.04 -22.64
CA LYS A 35 -5.15 12.80 -23.23
C LYS A 35 -4.11 12.15 -22.32
N VAL A 36 -3.29 13.00 -21.70
CA VAL A 36 -2.35 12.60 -20.70
C VAL A 36 -3.10 11.97 -19.51
N ALA A 37 -4.18 12.61 -19.05
CA ALA A 37 -4.99 12.04 -17.96
C ALA A 37 -5.50 10.62 -18.30
N GLU A 38 -5.89 10.38 -19.55
CA GLU A 38 -6.32 9.03 -19.97
C GLU A 38 -5.19 8.01 -19.92
N ASP A 39 -4.01 8.41 -20.40
CA ASP A 39 -2.84 7.55 -20.36
C ASP A 39 -2.51 7.21 -18.90
N VAL A 40 -2.44 8.23 -18.05
CA VAL A 40 -2.16 7.99 -16.59
C VAL A 40 -3.18 7.02 -15.97
N CYS A 41 -4.45 7.25 -16.25
CA CYS A 41 -5.51 6.38 -15.80
C CYS A 41 -5.30 4.91 -16.17
N ASN A 42 -4.88 4.69 -17.43
CA ASN A 42 -4.62 3.32 -17.88
C ASN A 42 -3.35 2.65 -17.29
N VAL A 43 -2.29 3.42 -17.03
CA VAL A 43 -1.10 2.93 -16.37
C VAL A 43 -1.47 2.44 -14.95
N ILE A 44 -2.31 3.23 -14.30
CA ILE A 44 -2.78 2.88 -12.92
C ILE A 44 -3.66 1.63 -12.97
N ALA A 45 -4.69 1.66 -13.81
CA ALA A 45 -5.54 0.48 -14.00
C ALA A 45 -4.74 -0.80 -14.30
N ASN A 46 -3.78 -0.70 -15.23
CA ASN A 46 -2.95 -1.85 -15.59
C ASN A 46 -2.13 -2.42 -14.40
N ARG A 47 -1.64 -1.56 -13.50
CA ARG A 47 -0.93 -2.00 -12.31
C ARG A 47 -1.91 -2.81 -11.41
N TYR A 48 -3.11 -2.30 -11.20
CA TYR A 48 -4.13 -3.06 -10.44
C TYR A 48 -4.33 -4.46 -11.03
N PHE A 49 -4.47 -4.54 -12.35
CA PHE A 49 -4.67 -5.84 -12.99
C PHE A 49 -3.44 -6.76 -12.86
N GLU A 50 -2.27 -6.17 -13.04
CA GLU A 50 -1.00 -6.91 -12.91
C GLU A 50 -0.85 -7.54 -11.51
N LEU A 51 -1.16 -6.75 -10.47
CA LEU A 51 -1.15 -7.21 -9.08
C LEU A 51 -2.20 -8.32 -8.86
N ASN A 52 -3.41 -8.09 -9.33
CA ASN A 52 -4.47 -9.12 -9.30
C ASN A 52 -3.99 -10.46 -9.88
N ASP A 53 -3.34 -10.42 -11.05
CA ASP A 53 -2.88 -11.66 -11.69
C ASP A 53 -1.85 -12.40 -10.87
N ILE A 54 -0.96 -11.64 -10.24
CA ILE A 54 0.09 -12.21 -9.39
C ILE A 54 -0.53 -12.92 -8.17
N TYR A 55 -1.51 -12.29 -7.56
CA TYR A 55 -2.16 -12.86 -6.35
C TYR A 55 -3.08 -14.04 -6.70
N GLU A 56 -3.67 -14.01 -7.90
CA GLU A 56 -4.45 -15.16 -8.38
C GLU A 56 -3.58 -16.44 -8.49
N ILE A 57 -2.37 -16.29 -9.04
CA ILE A 57 -1.41 -17.39 -9.10
C ILE A 57 -0.99 -17.83 -7.70
N ARG A 58 -0.69 -16.87 -6.83
CA ARG A 58 -0.31 -17.20 -5.46
C ARG A 58 -1.42 -18.03 -4.77
N ASP A 59 -2.66 -17.55 -4.86
CA ASP A 59 -3.80 -18.21 -4.21
C ASP A 59 -4.02 -19.63 -4.78
N ALA A 60 -3.94 -19.78 -6.11
CA ALA A 60 -4.07 -21.11 -6.73
C ALA A 60 -3.01 -22.08 -6.24
N LYS A 61 -1.76 -21.63 -6.14
CA LYS A 61 -0.68 -22.49 -5.61
C LYS A 61 -0.95 -22.91 -4.16
N VAL A 62 -1.30 -21.92 -3.34
CA VAL A 62 -1.57 -22.15 -1.91
C VAL A 62 -2.73 -23.13 -1.70
N LYS A 63 -3.82 -22.92 -2.43
CA LYS A 63 -4.93 -23.89 -2.38
C LYS A 63 -4.53 -25.32 -2.74
N ALA A 64 -3.78 -25.50 -3.84
CA ALA A 64 -3.29 -26.83 -4.25
C ALA A 64 -2.40 -27.48 -3.19
N VAL A 65 -1.47 -26.73 -2.61
CA VAL A 65 -0.68 -27.24 -1.48
C VAL A 65 -1.57 -27.66 -0.30
N LYS A 66 -2.52 -26.81 0.10
CA LYS A 66 -3.40 -27.13 1.25
C LYS A 66 -4.24 -28.37 0.95
N GLU A 67 -4.63 -28.55 -0.30
CA GLU A 67 -5.46 -29.69 -0.64
C GLU A 67 -4.66 -30.95 -0.97
N SER A 68 -3.34 -30.84 -0.99
CA SER A 68 -2.49 -32.01 -1.33
C SER A 68 -2.27 -32.93 -0.12
N GLY A 69 -1.40 -33.93 -0.26
CA GLY A 69 -1.01 -34.80 0.85
C GLY A 69 -0.01 -34.20 1.82
N LEU A 70 0.83 -33.27 1.34
CA LEU A 70 1.97 -32.75 2.13
CA LEU A 70 1.95 -32.69 2.12
C LEU A 70 1.53 -32.35 3.54
N THR A 71 2.40 -32.53 4.52
N THR A 71 2.43 -32.59 4.49
CA THR A 71 1.96 -32.43 5.91
CA THR A 71 2.25 -32.17 5.87
C THR A 71 2.78 -31.53 6.85
C THR A 71 3.58 -31.71 6.42
N GLY A 72 4.08 -31.76 6.93
N GLY A 72 3.54 -31.11 7.59
CA GLY A 72 4.86 -31.05 7.93
CA GLY A 72 4.76 -30.69 8.29
C GLY A 72 5.58 -29.87 7.33
C GLY A 72 5.58 -29.75 7.43
N ASP A 73 6.90 -29.94 7.43
CA ASP A 73 7.78 -28.98 6.79
C ASP A 73 7.69 -29.08 5.29
N ALA A 74 7.32 -30.25 4.77
CA ALA A 74 7.04 -30.38 3.34
C ALA A 74 5.97 -29.38 2.97
N LYS A 75 4.85 -29.43 3.70
CA LYS A 75 3.73 -28.50 3.49
C LYS A 75 4.18 -27.06 3.62
N ASN A 76 4.77 -26.74 4.76
CA ASN A 76 5.09 -25.36 5.08
C ASN A 76 6.14 -24.73 4.16
N GLU A 77 7.10 -25.54 3.72
CA GLU A 77 8.11 -25.09 2.78
C GLU A 77 7.49 -24.83 1.39
N ALA A 78 6.51 -25.66 1.03
CA ALA A 78 5.78 -25.49 -0.22
C ALA A 78 4.98 -24.15 -0.19
N LEU A 79 4.41 -23.85 0.97
CA LEU A 79 3.65 -22.62 1.16
C LEU A 79 4.59 -21.42 1.09
N LYS A 80 5.73 -21.48 1.79
CA LYS A 80 6.74 -20.42 1.74
C LYS A 80 7.27 -20.18 0.31
N ALA A 81 7.40 -21.24 -0.48
CA ALA A 81 7.85 -21.14 -1.86
C ALA A 81 6.83 -20.40 -2.75
N ALA A 82 5.53 -20.66 -2.55
CA ALA A 82 4.47 -19.88 -3.22
C ALA A 82 4.54 -18.39 -2.87
N GLU A 83 4.75 -18.06 -1.59
CA GLU A 83 4.88 -16.68 -1.16
CA GLU A 83 4.89 -16.66 -1.16
C GLU A 83 6.13 -16.00 -1.77
N ASN A 84 7.24 -16.75 -1.88
CA ASN A 84 8.51 -16.23 -2.44
C ASN A 84 8.32 -15.92 -3.95
N GLU A 85 7.64 -16.83 -4.65
CA GLU A 85 7.31 -16.63 -6.06
C GLU A 85 6.48 -15.34 -6.25
N LYS A 86 5.54 -15.12 -5.35
CA LYS A 86 4.70 -13.92 -5.37
C LYS A 86 5.56 -12.65 -5.14
N ASP A 87 6.43 -12.69 -4.12
CA ASP A 87 7.28 -11.54 -3.82
C ASP A 87 8.24 -11.25 -4.96
N ALA A 88 8.73 -12.28 -5.62
CA ALA A 88 9.67 -12.13 -6.76
C ALA A 88 8.97 -11.44 -7.93
N ALA A 89 7.70 -11.78 -8.18
CA ALA A 89 6.86 -11.08 -9.21
C ALA A 89 6.59 -9.59 -8.87
N LEU A 90 6.33 -9.32 -7.59
CA LEU A 90 6.21 -7.93 -7.12
C LEU A 90 7.53 -7.18 -7.36
N TYR A 91 8.64 -7.78 -6.96
CA TYR A 91 9.95 -7.16 -7.13
C TYR A 91 10.22 -6.82 -8.61
N ARG A 92 10.01 -7.82 -9.46
CA ARG A 92 10.35 -7.69 -10.89
C ARG A 92 9.52 -6.61 -11.61
N SER A 93 8.31 -6.33 -11.12
CA SER A 93 7.39 -5.35 -11.74
C SER A 93 7.26 -4.01 -10.97
N HIS A 94 7.92 -3.87 -9.80
CA HIS A 94 7.69 -2.72 -8.91
C HIS A 94 8.17 -1.43 -9.54
N PHE A 95 9.37 -1.48 -10.11
CA PHE A 95 10.04 -0.26 -10.57
C PHE A 95 9.56 0.26 -11.96
N ALA A 96 8.97 -0.65 -12.73
CA ALA A 96 8.31 -0.37 -14.01
C ALA A 96 7.10 0.59 -13.85
N PHE A 97 6.40 0.54 -12.70
CA PHE A 97 5.19 1.39 -12.48
C PHE A 97 5.53 2.89 -12.41
N PRO A 98 6.41 3.32 -11.50
CA PRO A 98 6.85 4.73 -11.58
C PRO A 98 7.62 5.10 -12.86
N ALA A 99 8.37 4.19 -13.46
CA ALA A 99 8.96 4.47 -14.79
C ALA A 99 7.88 4.87 -15.83
N SER A 100 6.80 4.09 -15.93
CA SER A 100 5.66 4.38 -16.79
C SER A 100 4.95 5.70 -16.43
N LEU A 101 4.74 5.94 -15.14
CA LEU A 101 4.07 7.16 -14.71
C LEU A 101 4.94 8.38 -15.04
N SER A 102 6.29 8.24 -14.94
CA SER A 102 7.23 9.35 -15.16
C SER A 102 7.25 9.84 -16.62
N LEU A 103 6.66 9.09 -17.53
CA LEU A 103 6.47 9.54 -18.90
C LEU A 103 5.49 10.70 -18.94
N PHE A 104 4.65 10.82 -17.91
CA PHE A 104 3.49 11.74 -17.89
C PHE A 104 3.48 12.68 -16.68
N LEU A 105 4.08 12.26 -15.58
CA LEU A 105 3.92 12.94 -14.31
C LEU A 105 5.27 13.37 -13.70
N ASN A 106 5.27 14.45 -12.93
CA ASN A 106 6.45 14.82 -12.12
C ASN A 106 6.52 14.03 -10.80
N GLU A 107 7.57 14.21 -10.00
CA GLU A 107 7.75 13.36 -8.81
C GLU A 107 6.66 13.58 -7.78
N GLU A 108 6.18 14.80 -7.67
CA GLU A 108 5.11 15.13 -6.73
C GLU A 108 3.78 14.45 -7.09
N GLN A 109 3.49 14.44 -8.39
CA GLN A 109 2.28 13.76 -8.88
C GLN A 109 2.39 12.23 -8.72
N ILE A 110 3.56 11.65 -9.00
CA ILE A 110 3.79 10.21 -8.75
C ILE A 110 3.53 9.89 -7.28
N GLU A 111 4.02 10.72 -6.36
CA GLU A 111 3.72 10.52 -4.94
CA GLU A 111 3.73 10.56 -4.93
C GLU A 111 2.21 10.64 -4.64
N ALA A 112 1.52 11.61 -5.27
CA ALA A 112 0.05 11.70 -5.12
C ALA A 112 -0.64 10.39 -5.60
N VAL A 113 -0.15 9.78 -6.68
CA VAL A 113 -0.72 8.53 -7.15
C VAL A 113 -0.51 7.40 -6.11
N LYS A 114 0.67 7.34 -5.51
CA LYS A 114 0.98 6.30 -4.51
C LYS A 114 0.07 6.50 -3.28
N ASP A 115 -0.14 7.74 -2.90
CA ASP A 115 -1.07 8.08 -1.80
C ASP A 115 -2.51 7.69 -2.13
N GLY A 116 -2.95 8.00 -3.36
CA GLY A 116 -4.28 7.58 -3.83
C GLY A 116 -4.51 6.10 -3.77
N MSE A 117 -3.52 5.30 -4.13
CA MSE A 117 -3.61 3.87 -4.03
C MSE A 117 -3.53 3.29 -2.60
O MSE A 117 -3.81 2.10 -2.41
CB MSE A 117 -2.54 3.23 -4.92
CG MSE A 117 -2.73 3.54 -6.45
SE MSE A 117 -1.22 2.90 -7.54
CE MSE A 117 -1.77 1.05 -7.59
N THR A 118 -3.11 4.09 -1.64
CA THR A 118 -2.92 3.64 -0.24
C THR A 118 -3.76 4.47 0.73
N TYR A 119 -4.85 5.03 0.20
CA TYR A 119 -5.82 5.76 0.95
C TYR A 119 -5.28 6.92 1.77
N GLY A 120 -4.18 7.57 1.36
CA GLY A 120 -3.61 8.71 2.10
C GLY A 120 -3.19 8.42 3.55
N VAL A 121 -2.89 7.15 3.84
CA VAL A 121 -2.58 6.72 5.21
C VAL A 121 -1.23 7.34 5.70
N VAL A 122 -0.31 7.67 4.79
CA VAL A 122 0.97 8.29 5.20
C VAL A 122 0.69 9.59 5.94
N LYS A 123 -0.02 10.50 5.27
CA LYS A 123 -0.28 11.81 5.86
C LYS A 123 -1.13 11.69 7.12
N VAL A 124 -2.18 10.87 7.06
CA VAL A 124 -3.08 10.73 8.21
C VAL A 124 -2.31 10.26 9.43
N THR A 125 -1.48 9.23 9.25
CA THR A 125 -0.71 8.64 10.35
C THR A 125 0.33 9.61 10.88
N TYR A 126 1.04 10.29 9.98
CA TYR A 126 2.09 11.23 10.39
C TYR A 126 1.48 12.37 11.22
N GLU A 127 0.40 12.95 10.71
CA GLU A 127 -0.20 14.05 11.42
C GLU A 127 -0.80 13.64 12.76
N ALA A 128 -1.41 12.44 12.81
CA ALA A 128 -1.98 11.93 14.06
C ALA A 128 -0.87 11.72 15.08
N THR A 129 0.27 11.19 14.64
CA THR A 129 1.36 10.89 15.56
C THR A 129 1.90 12.18 16.19
N LEU A 130 2.07 13.21 15.35
CA LEU A 130 2.55 14.54 15.81
C LEU A 130 1.49 15.21 16.75
N ASP A 131 0.21 15.02 16.46
CA ASP A 131 -0.88 15.53 17.30
C ASP A 131 -0.93 14.87 18.68
N MSE A 132 -0.58 13.60 18.72
CA MSE A 132 -0.64 12.85 19.98
CA MSE A 132 -0.64 12.82 19.95
CA MSE A 132 -0.61 12.81 19.96
C MSE A 132 0.63 13.04 20.81
O MSE A 132 0.59 13.00 22.04
CB MSE A 132 -1.02 11.38 19.75
CB MSE A 132 -0.89 11.33 19.58
CB MSE A 132 -0.74 11.32 19.65
CG MSE A 132 -2.43 11.14 20.27
CG MSE A 132 -2.36 11.09 19.15
CG MSE A 132 -0.82 10.44 20.90
SE MSE A 132 -3.48 9.68 19.65
SE MSE A 132 -2.79 9.66 17.86
SE MSE A 132 -0.81 8.62 20.37
CE MSE A 132 -4.15 10.45 17.97
CE MSE A 132 -4.71 9.63 18.15
CE MSE A 132 -2.17 8.73 18.98
N ILE A 133 1.76 13.29 20.15
CA ILE A 133 3.01 13.52 20.88
C ILE A 133 3.64 14.86 20.41
N PRO A 134 3.18 15.99 20.97
CA PRO A 134 3.73 17.28 20.53
C PRO A 134 5.22 17.50 20.91
N SER A 135 5.76 16.71 21.83
CA SER A 135 7.16 16.86 22.25
C SER A 135 8.21 16.19 21.36
N LEU A 136 7.81 15.49 20.29
CA LEU A 136 8.78 14.77 19.43
C LEU A 136 9.99 15.59 18.98
N LYS A 137 11.15 14.95 19.01
CA LYS A 137 12.36 15.55 18.49
C LYS A 137 12.35 15.50 16.96
N GLU A 138 13.11 16.40 16.34
CA GLU A 138 13.21 16.43 14.90
C GLU A 138 13.64 15.10 14.34
N GLU A 139 14.68 14.52 14.92
CA GLU A 139 15.17 13.25 14.42
C GLU A 139 14.11 12.14 14.49
N GLU A 140 13.24 12.19 15.50
CA GLU A 140 12.15 11.19 15.65
C GLU A 140 11.11 11.38 14.54
N LYS A 141 10.73 12.63 14.28
CA LYS A 141 9.80 12.89 13.17
C LYS A 141 10.32 12.38 11.82
N VAL A 142 11.61 12.58 11.58
CA VAL A 142 12.25 12.12 10.36
C VAL A 142 12.24 10.58 10.25
N GLN A 143 12.56 9.91 11.34
CA GLN A 143 12.52 8.43 11.37
C GLN A 143 11.10 7.89 11.16
N ILE A 144 10.14 8.49 11.87
CA ILE A 144 8.74 8.09 11.75
C ILE A 144 8.27 8.26 10.28
N TYR A 145 8.58 9.40 9.70
CA TYR A 145 8.17 9.67 8.34
C TYR A 145 8.83 8.68 7.37
N ALA A 146 10.13 8.37 7.56
CA ALA A 146 10.86 7.42 6.69
C ALA A 146 10.21 6.02 6.67
N TRP A 147 9.77 5.56 7.84
CA TRP A 147 9.12 4.24 7.91
C TRP A 147 7.72 4.24 7.28
N LEU A 148 7.00 5.35 7.37
CA LEU A 148 5.71 5.44 6.69
C LEU A 148 5.83 5.43 5.13
N VAL A 149 6.85 6.11 4.61
CA VAL A 149 7.19 6.11 3.17
C VAL A 149 7.56 4.70 2.71
N GLU A 150 8.37 4.00 3.51
CA GLU A 150 8.69 2.58 3.26
C GLU A 150 7.43 1.73 3.23
N ALA A 151 6.60 1.89 4.26
CA ALA A 151 5.35 1.12 4.38
C ALA A 151 4.51 1.28 3.10
N ARG A 152 4.45 2.50 2.60
CA ARG A 152 3.66 2.80 1.40
C ARG A 152 4.18 2.03 0.16
N GLU A 153 5.50 1.83 0.03
CA GLU A 153 6.04 1.05 -1.08
C GLU A 153 5.50 -0.37 -1.03
N PHE A 154 5.41 -0.99 0.15
CA PHE A 154 4.77 -2.32 0.25
C PHE A 154 3.24 -2.27 0.11
N ALA A 155 2.56 -1.34 0.77
CA ALA A 155 1.11 -1.29 0.73
C ALA A 155 0.59 -1.11 -0.71
N MSE A 156 1.24 -0.26 -1.50
CA MSE A 156 0.75 -0.02 -2.92
C MSE A 156 0.77 -1.35 -3.73
O MSE A 156 0.01 -1.49 -4.68
CB MSE A 156 1.59 1.11 -3.62
CG MSE A 156 2.97 0.70 -3.97
SE MSE A 156 3.99 2.30 -4.52
CE MSE A 156 3.18 2.52 -6.28
N ASP A 157 1.57 -2.34 -3.29
CA ASP A 157 1.67 -3.64 -3.98
C ASP A 157 0.76 -4.70 -3.34
N ALA A 158 0.05 -4.35 -2.25
CA ALA A 158 -0.80 -5.33 -1.54
C ALA A 158 -2.07 -5.68 -2.31
N GLU A 159 -2.68 -6.78 -1.91
CA GLU A 159 -3.79 -7.37 -2.64
CA GLU A 159 -3.78 -7.39 -2.64
C GLU A 159 -5.10 -6.61 -2.58
N ASN A 160 -5.38 -5.98 -1.45
CA ASN A 160 -6.68 -5.33 -1.23
C ASN A 160 -6.58 -4.38 -0.03
N SER A 161 -7.67 -3.67 0.24
CA SER A 161 -7.75 -2.67 1.31
C SER A 161 -7.30 -3.19 2.66
N ASN A 162 -7.82 -4.35 3.04
CA ASN A 162 -7.43 -4.99 4.29
C ASN A 162 -5.93 -5.23 4.45
N LYS A 163 -5.31 -5.78 3.41
CA LYS A 163 -3.88 -6.04 3.44
C LYS A 163 -3.06 -4.77 3.40
N LYS A 164 -3.57 -3.75 2.72
CA LYS A 164 -2.94 -2.42 2.76
C LYS A 164 -2.87 -1.84 4.20
N HIS A 165 -4.01 -1.86 4.91
CA HIS A 165 -4.07 -1.39 6.30
C HIS A 165 -3.24 -2.18 7.25
N ALA A 166 -3.13 -3.49 7.03
CA ALA A 166 -2.30 -4.35 7.83
C ALA A 166 -0.82 -4.09 7.58
N ALA A 167 -0.44 -3.82 6.32
CA ALA A 167 0.97 -3.43 6.01
C ALA A 167 1.36 -2.13 6.77
N PHE A 168 0.52 -1.09 6.71
CA PHE A 168 0.80 0.10 7.48
C PHE A 168 0.81 -0.24 8.99
N GLY A 169 -0.05 -1.15 9.42
CA GLY A 169 -0.09 -1.61 10.84
C GLY A 169 1.23 -2.15 11.36
N LYS A 170 1.96 -2.87 10.52
CA LYS A 170 3.24 -3.40 10.95
CA LYS A 170 3.27 -3.40 10.89
C LYS A 170 4.26 -2.25 11.18
N TYR A 171 4.28 -1.26 10.30
CA TYR A 171 5.24 -0.16 10.45
C TYR A 171 4.80 0.74 11.61
N LYS A 172 3.48 0.85 11.85
CA LYS A 172 2.98 1.62 13.00
CA LYS A 172 3.02 1.64 13.00
C LYS A 172 3.42 0.96 14.33
N GLY A 173 3.45 -0.36 14.34
CA GLY A 173 3.98 -1.14 15.47
C GLY A 173 5.46 -0.84 15.66
N ARG A 174 6.19 -0.76 14.55
CA ARG A 174 7.61 -0.44 14.59
C ARG A 174 7.85 0.96 15.14
N ILE A 175 7.00 1.90 14.72
CA ILE A 175 7.03 3.27 15.24
C ILE A 175 6.84 3.29 16.77
N ASN A 176 5.81 2.59 17.26
CA ASN A 176 5.58 2.47 18.69
C ASN A 176 6.72 1.88 19.51
N ASN A 177 7.35 0.82 19.00
CA ASN A 177 8.46 0.19 19.69
C ASN A 177 9.66 1.12 19.78
N TYR A 178 9.90 1.84 18.69
CA TYR A 178 10.94 2.89 18.60
C TYR A 178 10.70 4.01 19.63
N LEU A 179 9.47 4.52 19.70
CA LEU A 179 9.18 5.62 20.64
C LEU A 179 9.33 5.12 22.08
N ALA A 180 8.82 3.91 22.37
CA ALA A 180 8.92 3.38 23.74
C ALA A 180 10.39 3.20 24.10
N LYS A 181 11.19 2.64 23.17
CA LYS A 181 12.64 2.49 23.41
C LYS A 181 13.32 3.84 23.67
N ARG A 182 12.78 4.91 23.10
CA ARG A 182 13.33 6.22 23.34
C ARG A 182 12.72 6.93 24.55
N GLY A 183 12.07 6.18 25.43
CA GLY A 183 11.60 6.71 26.72
C GLY A 183 10.18 7.28 26.74
N TYR A 184 9.46 7.30 25.62
CA TYR A 184 8.09 7.78 25.64
C TYR A 184 7.16 6.75 26.30
N ASN A 185 6.20 7.22 27.12
CA ASN A 185 5.14 6.39 27.72
C ASN A 185 3.89 6.60 26.90
N LEU A 186 3.63 5.69 25.98
CA LEU A 186 2.54 5.90 25.02
C LEU A 186 1.13 5.91 25.67
N THR A 187 0.92 5.11 26.72
CA THR A 187 -0.35 5.15 27.48
C THR A 187 -0.61 6.54 28.01
N LYS A 188 0.41 7.12 28.64
CA LYS A 188 0.29 8.50 29.14
C LYS A 188 0.11 9.54 28.01
N GLU A 189 0.85 9.39 26.92
CA GLU A 189 0.71 10.33 25.83
C GLU A 189 -0.71 10.34 25.31
N ARG A 190 -1.31 9.16 25.18
CA ARG A 190 -2.72 9.06 24.74
C ARG A 190 -3.71 9.68 25.74
N GLU A 191 -3.47 9.52 27.02
CA GLU A 191 -4.34 10.15 28.04
C GLU A 191 -4.32 11.68 27.89
N GLU A 192 -3.12 12.24 27.80
CA GLU A 192 -2.97 13.68 27.70
C GLU A 192 -3.53 14.23 26.41
N TRP A 193 -3.45 13.44 25.33
CA TRP A 193 -4.03 13.84 24.07
C TRP A 193 -5.55 13.89 24.15
N ALA A 194 -6.16 12.88 24.77
CA ALA A 194 -7.61 12.89 25.04
C ALA A 194 -8.02 14.20 25.74
N LYS A 195 -7.24 14.59 26.75
CA LYS A 195 -7.51 15.81 27.48
C LYS A 195 -7.33 17.02 26.57
N ARG A 196 -6.27 17.03 25.76
CA ARG A 196 -6.08 18.14 24.83
C ARG A 196 -7.26 18.23 23.85
N VAL A 197 -7.75 17.08 23.38
CA VAL A 197 -8.86 17.10 22.46
C VAL A 197 -10.10 17.78 23.07
N LYS A 198 -10.46 17.41 24.30
CA LYS A 198 -11.58 18.07 25.01
C LYS A 198 -11.37 19.57 25.24
N ALA A 199 -10.31 19.94 25.96
CA ALA A 199 -9.99 21.36 26.19
C ALA A 199 -9.95 22.17 24.90
N ARG A 200 -9.52 21.53 23.81
CA ARG A 200 -9.54 22.12 22.46
C ARG A 200 -10.99 22.29 21.94
N GLY A 201 -11.91 21.46 22.41
CA GLY A 201 -13.36 21.64 22.19
C GLY A 201 -13.76 21.78 20.74
C1 PEG B . 10.25 16.82 9.21
O1 PEG B . 11.54 17.15 9.71
C2 PEG B . 10.03 15.32 9.13
O2 PEG B . 9.52 15.04 7.83
C3 PEG B . 8.16 15.44 7.60
C4 PEG B . 7.85 15.61 6.12
O4 PEG B . 6.47 15.96 5.96
C1 PEG C . 16.74 16.83 17.93
O1 PEG C . 16.48 15.89 16.85
C2 PEG C . 16.16 18.23 17.67
O2 PEG C . 15.10 18.46 18.59
C3 PEG C . 14.02 19.30 18.17
C4 PEG C . 13.16 19.50 19.41
O4 PEG C . 12.89 20.88 19.66
S SO4 D . -10.27 -3.71 -2.29
O1 SO4 D . -10.76 -4.80 -3.13
O2 SO4 D . -9.06 -3.21 -2.92
O3 SO4 D . -11.24 -2.62 -2.25
O4 SO4 D . -10.12 -4.14 -0.92
#